data_5H2B
#
_entry.id   5H2B
#
_cell.length_a   38.647
_cell.length_b   82.267
_cell.length_c   127.312
_cell.angle_alpha   90.00
_cell.angle_beta   90.00
_cell.angle_gamma   90.00
#
_symmetry.space_group_name_H-M   'P 21 21 21'
#
loop_
_entity.id
_entity.type
_entity.pdbx_description
1 polymer 'G196 antibody Heavy chain'
2 polymer 'G196 antibody Light chain'
3 water water
#
loop_
_entity_poly.entity_id
_entity_poly.type
_entity_poly.pdbx_seq_one_letter_code
_entity_poly.pdbx_strand_id
1 'polypeptide(L)'
;QVKLQESGAELVKPGASVKLSCKASGYTFTNYWMHWVKLRPGQGFEWIGEINPSNGGSNYNEKFKRKATLTVDKSSSTAY
MQLSSLTSEDSAVFYCSIWDSYFDYWGQGTTLTVSSAKTTPPSVYPLAPGSAAQTNSMVTLGCLVKGYFPEPVTVTWNSG
SLSSGVHTFPAVLQSDLYTLSSSVTVPSSPWPSETVTCNVAHPASSTKVDKKIVPRDC
;
A
2 'polypeptide(L)'
;NIVMTQSPKSMSMSVGERVTLTCKASENVVTYVSWYQQKPEQSPKLLIYGASNRYTGVPDRFTGSGSATDFTLTISSVQA
EDLADYHCGQGYSYPYTFGGGTKLEIKRADAAPTVSIFPPSSEQLTSGGASVVCFLNNFYPKDINVKWKIDGSERQNGVL
NSWTDQDSKDSTYSMSSTLTLTKDEYERHNSYTCEATHKTSTSPIVKSFNRNEC
;
B
#
# COMPACT_ATOMS: atom_id res chain seq x y z
N GLN A 1 -15.04 17.12 -10.95
CA GLN A 1 -14.23 16.82 -9.79
C GLN A 1 -12.79 17.32 -9.98
N VAL A 2 -12.17 17.83 -8.92
CA VAL A 2 -10.74 18.17 -8.98
C VAL A 2 -9.95 16.87 -9.10
N LYS A 3 -9.12 16.78 -10.14
CA LYS A 3 -8.34 15.57 -10.37
C LYS A 3 -6.95 15.85 -10.91
N LEU A 4 -5.98 15.09 -10.44
CA LEU A 4 -4.62 15.15 -10.95
C LEU A 4 -4.26 13.73 -11.37
N GLN A 5 -4.34 13.46 -12.66
CA GLN A 5 -4.18 12.09 -13.13
C GLN A 5 -2.75 11.75 -13.54
N GLU A 6 -2.17 10.77 -12.85
CA GLU A 6 -0.83 10.28 -13.16
C GLU A 6 -0.90 8.84 -13.61
N SER A 7 0.00 8.44 -14.49
CA SER A 7 0.07 7.04 -14.89
C SER A 7 0.37 6.16 -13.68
N GLY A 8 -0.27 4.98 -13.64
CA GLY A 8 -0.11 4.07 -12.53
C GLY A 8 1.33 3.64 -12.36
N ALA A 9 1.94 3.18 -13.44
CA ALA A 9 3.27 2.56 -13.37
C ALA A 9 4.14 2.94 -14.56
N GLU A 10 5.46 2.87 -14.36
CA GLU A 10 6.41 3.02 -15.44
C GLU A 10 7.66 2.16 -15.19
N LEU A 11 7.99 1.33 -16.17
CA LEU A 11 9.21 0.52 -16.15
C LEU A 11 10.16 1.11 -17.17
N VAL A 12 11.41 1.33 -16.75
CA VAL A 12 12.37 1.98 -17.65
C VAL A 12 13.75 1.40 -17.44
N LYS A 13 14.51 1.25 -18.52
CA LYS A 13 15.86 0.72 -18.41
C LYS A 13 16.72 1.74 -17.67
N PRO A 14 17.66 1.27 -16.85
CA PRO A 14 18.62 2.16 -16.18
C PRO A 14 19.47 2.91 -17.21
N GLY A 15 19.76 4.18 -16.93
CA GLY A 15 20.52 5.00 -17.86
C GLY A 15 19.61 5.75 -18.82
N ALA A 16 18.37 5.27 -18.94
CA ALA A 16 17.44 5.93 -19.84
C ALA A 16 16.75 7.07 -19.11
N SER A 17 15.89 7.78 -19.82
CA SER A 17 15.12 8.85 -19.20
C SER A 17 13.64 8.52 -19.28
N VAL A 18 12.81 9.26 -18.53
CA VAL A 18 11.36 9.06 -18.57
C VAL A 18 10.61 10.37 -18.32
N LYS A 19 9.44 10.50 -18.93
CA LYS A 19 8.58 11.67 -18.77
C LYS A 19 7.35 11.34 -17.96
N LEU A 20 7.37 11.65 -16.67
CA LEU A 20 6.16 11.43 -15.86
C LEU A 20 5.14 12.52 -16.14
N SER A 21 3.89 12.09 -16.33
CA SER A 21 2.83 13.06 -16.59
C SER A 21 1.86 13.19 -15.43
N CYS A 22 1.32 14.39 -15.26
CA CYS A 22 0.33 14.69 -14.26
C CYS A 22 -0.70 15.60 -14.93
N LYS A 23 -1.85 15.03 -15.27
CA LYS A 23 -2.86 15.71 -16.07
C LYS A 23 -3.98 16.30 -15.20
N ALA A 24 -4.14 17.63 -15.20
CA ALA A 24 -5.01 18.30 -14.26
C ALA A 24 -6.41 18.66 -14.79
N SER A 25 -7.41 18.60 -13.90
CA SER A 25 -8.78 18.93 -14.26
C SER A 25 -9.61 19.28 -13.02
N GLY A 26 -10.66 20.09 -13.20
CA GLY A 26 -11.59 20.40 -12.13
C GLY A 26 -11.34 21.75 -11.52
N TYR A 27 -10.22 22.36 -11.90
CA TYR A 27 -9.87 23.68 -11.39
C TYR A 27 -9.12 24.46 -12.47
N THR A 28 -8.85 25.74 -12.18
CA THR A 28 -8.07 26.55 -13.13
C THR A 28 -6.59 26.15 -13.03
N PHE A 29 -6.15 25.38 -14.02
CA PHE A 29 -4.79 24.86 -14.06
C PHE A 29 -3.69 25.92 -13.78
N THR A 30 -3.79 27.07 -14.42
CA THR A 30 -2.72 28.08 -14.34
C THR A 30 -2.66 28.89 -13.03
N ASN A 31 -3.58 28.66 -12.11
CA ASN A 31 -3.61 29.44 -10.87
C ASN A 31 -2.94 28.78 -9.65
N TYR A 32 -2.34 27.60 -9.86
CA TYR A 32 -1.75 26.87 -8.75
C TYR A 32 -0.42 26.22 -9.11
N TRP A 33 0.60 26.44 -8.28
CA TRP A 33 1.88 25.79 -8.45
C TRP A 33 1.72 24.27 -8.35
N MET A 34 2.50 23.55 -9.13
CA MET A 34 2.48 22.10 -9.08
C MET A 34 3.76 21.62 -8.41
N HIS A 35 3.60 20.78 -7.41
CA HIS A 35 4.73 20.25 -6.67
C HIS A 35 4.94 18.79 -7.03
N TRP A 36 6.20 18.42 -7.22
CA TRP A 36 6.56 17.02 -7.46
C TRP A 36 7.33 16.48 -6.25
N VAL A 37 6.92 15.31 -5.76
CA VAL A 37 7.59 14.71 -4.60
C VAL A 37 7.90 13.22 -4.78
N LYS A 38 8.97 12.81 -4.11
CA LYS A 38 9.46 11.45 -4.25
C LYS A 38 9.24 10.69 -2.94
N LEU A 39 8.78 9.46 -3.04
CA LEU A 39 8.47 8.67 -1.84
C LEU A 39 8.97 7.25 -2.01
N ARG A 40 9.95 6.87 -1.20
CA ARG A 40 10.43 5.49 -1.17
C ARG A 40 9.97 4.86 0.13
N PRO A 41 9.72 3.54 0.10
CA PRO A 41 9.18 2.84 1.26
C PRO A 41 10.04 3.06 2.51
N GLY A 42 9.39 3.43 3.61
CA GLY A 42 10.08 3.65 4.87
C GLY A 42 10.95 4.89 4.90
N GLN A 43 10.89 5.70 3.84
CA GLN A 43 11.53 7.00 3.85
C GLN A 43 10.48 8.07 4.06
N GLY A 44 10.93 9.28 4.38
CA GLY A 44 10.02 10.40 4.39
C GLY A 44 9.91 10.97 2.97
N PHE A 45 9.00 11.91 2.76
CA PHE A 45 8.90 12.54 1.45
C PHE A 45 10.16 13.35 1.16
N GLU A 46 10.50 13.43 -0.13
CA GLU A 46 11.56 14.29 -0.61
C GLU A 46 10.91 15.19 -1.63
N TRP A 47 11.14 16.49 -1.48
CA TRP A 47 10.56 17.45 -2.40
C TRP A 47 11.51 17.60 -3.60
N ILE A 48 10.98 17.40 -4.81
CA ILE A 48 11.79 17.54 -6.02
C ILE A 48 11.84 19.00 -6.52
N GLY A 49 10.67 19.58 -6.72
CA GLY A 49 10.58 20.95 -7.19
C GLY A 49 9.14 21.38 -7.34
N GLU A 50 8.94 22.61 -7.82
CA GLU A 50 7.62 23.17 -8.06
C GLU A 50 7.64 23.98 -9.37
N ILE A 51 6.48 24.07 -10.04
CA ILE A 51 6.41 24.81 -11.30
C ILE A 51 5.10 25.60 -11.40
N ASN A 52 5.20 26.82 -11.90
CA ASN A 52 4.04 27.68 -12.07
C ASN A 52 3.46 27.51 -13.48
N PRO A 53 2.28 26.90 -13.60
CA PRO A 53 1.68 26.62 -14.92
C PRO A 53 1.40 27.91 -15.71
N SER A 54 1.25 29.02 -15.00
CA SER A 54 0.96 30.27 -15.67
C SER A 54 2.07 30.64 -16.66
N ASN A 55 3.33 30.48 -16.25
CA ASN A 55 4.47 30.96 -17.05
C ASN A 55 5.62 29.96 -17.22
N GLY A 56 5.52 28.81 -16.58
CA GLY A 56 6.61 27.85 -16.61
C GLY A 56 7.70 28.11 -15.57
N GLY A 57 7.51 29.13 -14.73
CA GLY A 57 8.49 29.46 -13.69
C GLY A 57 8.73 28.29 -12.75
N SER A 58 9.98 28.04 -12.41
CA SER A 58 10.33 26.83 -11.66
C SER A 58 11.25 27.06 -10.46
N ASN A 59 11.14 26.15 -9.48
CA ASN A 59 12.05 26.10 -8.33
C ASN A 59 12.35 24.66 -8.03
N TYR A 60 13.65 24.32 -7.95
CA TYR A 60 14.06 22.93 -7.84
C TYR A 60 14.77 22.67 -6.53
N ASN A 61 14.75 21.41 -6.12
CA ASN A 61 15.62 20.97 -5.05
C ASN A 61 17.02 20.72 -5.62
N GLU A 62 17.99 21.52 -5.18
CA GLU A 62 19.37 21.39 -5.68
C GLU A 62 19.81 19.92 -5.84
N LYS A 63 19.33 19.06 -4.94
CA LYS A 63 19.68 17.65 -4.96
C LYS A 63 19.26 16.97 -6.27
N PHE A 64 18.16 17.45 -6.86
CA PHE A 64 17.63 16.81 -8.07
C PHE A 64 18.04 17.58 -9.33
N LYS A 65 18.93 18.56 -9.16
CA LYS A 65 19.25 19.49 -10.23
C LYS A 65 19.53 18.79 -11.56
N ARG A 66 20.54 17.93 -11.60
CA ARG A 66 20.91 17.24 -12.83
C ARG A 66 19.98 16.07 -13.13
N LYS A 67 18.93 15.92 -12.35
CA LYS A 67 18.15 14.69 -12.43
C LYS A 67 16.73 14.93 -12.94
N ALA A 68 16.10 16.02 -12.50
CA ALA A 68 14.70 16.26 -12.84
C ALA A 68 14.49 17.57 -13.59
N THR A 69 13.59 17.56 -14.58
CA THR A 69 13.20 18.83 -15.20
C THR A 69 11.68 18.94 -15.37
N LEU A 70 11.15 20.07 -14.90
CA LEU A 70 9.73 20.30 -14.83
C LEU A 70 9.26 21.10 -16.03
N THR A 71 8.21 20.62 -16.69
CA THR A 71 7.55 21.38 -17.75
C THR A 71 6.03 21.35 -17.59
N VAL A 72 5.35 22.14 -18.41
CA VAL A 72 3.90 22.23 -18.34
C VAL A 72 3.32 22.41 -19.75
N ASP A 73 2.13 21.86 -20.00
CA ASP A 73 1.40 22.20 -21.21
C ASP A 73 0.01 22.77 -20.91
N LYS A 74 -0.16 24.08 -21.14
CA LYS A 74 -1.39 24.76 -20.77
C LYS A 74 -2.64 24.28 -21.50
N SER A 75 -2.50 23.78 -22.73
CA SER A 75 -3.67 23.39 -23.52
C SER A 75 -4.15 22.00 -23.17
N SER A 76 -3.22 21.14 -22.77
CA SER A 76 -3.56 19.84 -22.24
C SER A 76 -3.75 19.93 -20.74
N SER A 77 -3.42 21.09 -20.18
CA SER A 77 -3.38 21.27 -18.74
C SER A 77 -2.68 20.06 -18.11
N THR A 78 -1.41 19.91 -18.45
CA THR A 78 -0.63 18.76 -18.02
C THR A 78 0.77 19.18 -17.56
N ALA A 79 1.14 18.74 -16.36
CA ALA A 79 2.51 18.94 -15.86
C ALA A 79 3.33 17.70 -16.18
N TYR A 80 4.60 17.90 -16.47
CA TYR A 80 5.47 16.77 -16.79
C TYR A 80 6.73 16.90 -15.96
N MET A 81 7.24 15.76 -15.50
CA MET A 81 8.58 15.72 -14.94
C MET A 81 9.44 14.71 -15.67
N GLN A 82 10.55 15.20 -16.21
CA GLN A 82 11.52 14.32 -16.84
C GLN A 82 12.60 13.92 -15.87
N LEU A 83 12.86 12.61 -15.80
CA LEU A 83 13.92 12.08 -14.96
C LEU A 83 14.97 11.50 -15.90
N SER A 84 16.23 11.86 -15.69
CA SER A 84 17.28 11.42 -16.61
C SER A 84 18.25 10.47 -15.94
N SER A 85 19.10 9.84 -16.75
CA SER A 85 20.18 9.01 -16.23
C SER A 85 19.70 8.14 -15.08
N LEU A 86 18.58 7.46 -15.28
CA LEU A 86 17.94 6.67 -14.23
C LEU A 86 18.83 5.59 -13.62
N THR A 87 18.73 5.42 -12.30
CA THR A 87 19.41 4.34 -11.59
C THR A 87 18.41 3.70 -10.62
N SER A 88 18.80 2.60 -9.98
CA SER A 88 17.93 1.92 -9.04
C SER A 88 17.52 2.83 -7.88
N GLU A 89 18.35 3.83 -7.58
CA GLU A 89 18.01 4.81 -6.54
C GLU A 89 16.76 5.59 -6.93
N ASP A 90 16.43 5.57 -8.21
CA ASP A 90 15.29 6.33 -8.70
C ASP A 90 13.96 5.60 -8.54
N SER A 91 14.02 4.28 -8.42
CA SER A 91 12.77 3.51 -8.27
C SER A 91 12.06 3.96 -6.99
N ALA A 92 10.81 4.38 -7.15
CA ALA A 92 10.09 5.05 -6.09
C ALA A 92 8.71 5.41 -6.61
N VAL A 93 7.84 5.90 -5.73
CA VAL A 93 6.56 6.43 -6.15
C VAL A 93 6.73 7.93 -6.31
N PHE A 94 6.26 8.48 -7.43
CA PHE A 94 6.38 9.91 -7.65
C PHE A 94 4.99 10.54 -7.67
N TYR A 95 4.84 11.66 -6.95
CA TYR A 95 3.55 12.35 -6.88
C TYR A 95 3.62 13.77 -7.42
N CYS A 96 2.55 14.22 -8.08
CA CYS A 96 2.32 15.66 -8.29
C CYS A 96 1.20 16.12 -7.36
N SER A 97 1.26 17.38 -6.91
CA SER A 97 0.27 17.85 -5.95
C SER A 97 0.23 19.37 -5.85
N ILE A 98 -0.92 19.92 -5.48
CA ILE A 98 -1.06 21.38 -5.25
C ILE A 98 -1.01 21.72 -3.76
N TRP A 99 -0.11 22.63 -3.37
CA TRP A 99 0.02 23.00 -1.96
C TRP A 99 -0.46 24.41 -1.64
N ASP A 100 -1.77 24.57 -1.57
CA ASP A 100 -2.39 25.81 -1.11
C ASP A 100 -3.09 25.51 0.22
N SER A 101 -3.12 26.49 1.11
CA SER A 101 -3.70 26.28 2.43
C SER A 101 -5.21 26.11 2.35
N TYR A 102 -5.78 26.57 1.24
CA TYR A 102 -7.21 26.42 1.05
C TYR A 102 -7.45 25.38 -0.01
N PHE A 103 -6.37 24.78 -0.51
CA PHE A 103 -6.46 23.86 -1.64
C PHE A 103 -5.22 22.95 -1.73
N ASP A 104 -5.25 21.85 -0.98
CA ASP A 104 -4.15 20.89 -0.96
C ASP A 104 -4.62 19.57 -1.57
N TYR A 105 -3.99 19.17 -2.68
CA TYR A 105 -4.42 17.97 -3.42
C TYR A 105 -3.27 17.18 -4.07
N TRP A 106 -3.40 15.86 -4.09
CA TRP A 106 -2.32 14.95 -4.51
C TRP A 106 -2.77 14.01 -5.61
N GLY A 107 -1.94 13.80 -6.65
CA GLY A 107 -2.20 12.76 -7.62
C GLY A 107 -2.11 11.41 -6.93
N GLN A 108 -2.38 10.33 -7.66
CA GLN A 108 -2.27 8.99 -7.09
C GLN A 108 -0.83 8.51 -7.00
N GLY A 109 0.07 9.20 -7.70
CA GLY A 109 1.47 8.80 -7.71
C GLY A 109 1.74 7.77 -8.78
N THR A 110 2.91 7.85 -9.41
CA THR A 110 3.30 6.83 -10.40
C THR A 110 4.41 5.97 -9.81
N THR A 111 4.27 4.64 -9.88
CA THR A 111 5.32 3.75 -9.39
C THR A 111 6.40 3.52 -10.44
N LEU A 112 7.57 4.12 -10.22
CA LEU A 112 8.66 3.99 -11.16
C LEU A 112 9.57 2.83 -10.81
N THR A 113 9.73 1.91 -11.76
CA THR A 113 10.70 0.83 -11.60
C THR A 113 11.78 0.98 -12.66
N VAL A 114 13.03 1.18 -12.26
CA VAL A 114 14.11 1.11 -13.23
C VAL A 114 14.86 -0.22 -13.10
N SER A 115 14.79 -0.99 -14.18
CA SER A 115 15.29 -2.34 -14.18
C SER A 115 15.56 -2.75 -15.61
N SER A 116 16.62 -3.52 -15.79
CA SER A 116 16.96 -4.06 -17.09
C SER A 116 16.04 -5.23 -17.40
N ALA A 117 15.45 -5.80 -16.34
CA ALA A 117 14.60 -6.99 -16.43
C ALA A 117 13.38 -6.78 -17.32
N LYS A 118 13.01 -7.79 -18.11
CA LYS A 118 11.86 -7.65 -19.00
C LYS A 118 10.56 -7.87 -18.23
N THR A 119 9.47 -7.34 -18.77
CA THR A 119 8.16 -7.41 -18.10
C THR A 119 7.51 -8.80 -18.24
N THR A 120 6.97 -9.31 -17.14
CA THR A 120 6.40 -10.66 -17.08
C THR A 120 4.96 -10.59 -16.55
N PRO A 121 3.98 -10.93 -17.40
CA PRO A 121 2.56 -10.93 -16.97
C PRO A 121 2.34 -11.89 -15.79
N PRO A 122 1.31 -11.62 -14.97
CA PRO A 122 1.07 -12.52 -13.83
C PRO A 122 0.32 -13.80 -14.23
N SER A 123 0.54 -14.89 -13.49
CA SER A 123 -0.41 -16.00 -13.55
C SER A 123 -1.40 -15.75 -12.41
N VAL A 124 -2.68 -16.01 -12.66
CA VAL A 124 -3.66 -15.80 -11.60
C VAL A 124 -4.58 -17.02 -11.37
N TYR A 125 -4.59 -17.49 -10.13
CA TYR A 125 -5.16 -18.78 -9.78
C TYR A 125 -6.28 -18.57 -8.78
N PRO A 126 -7.47 -19.11 -9.08
CA PRO A 126 -8.63 -18.93 -8.21
C PRO A 126 -8.42 -19.73 -6.94
N LEU A 127 -8.86 -19.21 -5.80
CA LEU A 127 -8.72 -19.93 -4.53
C LEU A 127 -10.10 -20.29 -3.97
N ALA A 128 -10.49 -21.55 -4.14
CA ALA A 128 -11.75 -22.05 -3.59
C ALA A 128 -11.48 -23.08 -2.49
N PRO A 129 -12.35 -23.10 -1.47
CA PRO A 129 -12.20 -24.03 -0.32
C PRO A 129 -12.04 -25.52 -0.73
N GLY A 130 -12.88 -26.07 -1.60
CA GLY A 130 -14.09 -25.42 -2.06
C GLY A 130 -15.27 -26.09 -1.39
N SER A 131 -16.07 -26.79 -2.17
CA SER A 131 -17.29 -27.41 -1.65
C SER A 131 -18.26 -26.38 -1.05
N ALA A 132 -18.71 -26.63 0.19
CA ALA A 132 -19.87 -25.93 0.71
C ALA A 132 -20.00 -25.82 2.23
N ALA A 133 -20.75 -24.81 2.66
CA ALA A 133 -21.28 -24.69 4.03
C ALA A 133 -20.25 -24.52 5.14
N GLN A 134 -19.05 -25.07 4.94
CA GLN A 134 -17.90 -24.74 5.78
C GLN A 134 -17.66 -23.24 5.55
N THR A 135 -17.77 -22.39 6.58
CA THR A 135 -17.83 -22.73 7.99
C THR A 135 -18.10 -21.34 8.62
N ASN A 136 -18.71 -21.28 9.81
CA ASN A 136 -19.32 -20.03 10.26
C ASN A 136 -20.51 -19.72 9.34
N SER A 137 -20.78 -18.44 9.08
CA SER A 137 -21.90 -18.07 8.22
C SER A 137 -21.45 -17.55 6.85
N MET A 138 -20.16 -17.23 6.75
CA MET A 138 -19.59 -16.67 5.54
C MET A 138 -18.54 -17.60 4.92
N VAL A 139 -18.09 -17.27 3.71
CA VAL A 139 -17.05 -18.04 3.03
C VAL A 139 -15.89 -17.14 2.69
N THR A 140 -14.68 -17.67 2.81
CA THR A 140 -13.53 -16.93 2.32
C THR A 140 -13.03 -17.50 1.00
N LEU A 141 -13.04 -16.63 -0.01
CA LEU A 141 -12.49 -16.95 -1.32
C LEU A 141 -11.22 -16.11 -1.51
N GLY A 142 -10.48 -16.39 -2.56
CA GLY A 142 -9.23 -15.69 -2.81
C GLY A 142 -8.70 -15.90 -4.22
N CYS A 143 -7.61 -15.20 -4.51
CA CYS A 143 -6.96 -15.26 -5.81
C CYS A 143 -5.47 -15.19 -5.56
N LEU A 144 -4.68 -15.98 -6.26
CA LEU A 144 -3.22 -15.95 -6.12
C LEU A 144 -2.65 -15.36 -7.40
N VAL A 145 -1.97 -14.24 -7.25
CA VAL A 145 -1.47 -13.48 -8.41
C VAL A 145 0.02 -13.65 -8.43
N LYS A 146 0.51 -14.50 -9.32
CA LYS A 146 1.85 -15.01 -9.17
C LYS A 146 2.76 -14.85 -10.38
N GLY A 147 4.03 -14.56 -10.07
CA GLY A 147 5.10 -14.61 -11.05
C GLY A 147 5.15 -13.43 -11.99
N TYR A 148 4.98 -12.22 -11.47
CA TYR A 148 4.96 -11.07 -12.37
C TYR A 148 6.08 -10.05 -12.08
N PHE A 149 6.27 -9.17 -13.05
CA PHE A 149 7.22 -8.07 -12.94
C PHE A 149 6.95 -7.02 -14.02
N PRO A 150 6.96 -5.73 -13.65
CA PRO A 150 7.24 -5.23 -12.29
C PRO A 150 5.96 -4.98 -11.51
N GLU A 151 6.08 -4.45 -10.29
CA GLU A 151 4.91 -3.93 -9.60
C GLU A 151 4.38 -2.74 -10.44
N PRO A 152 3.12 -2.34 -10.23
CA PRO A 152 2.12 -2.96 -9.36
C PRO A 152 1.13 -3.79 -10.17
N VAL A 153 0.27 -4.52 -9.46
CA VAL A 153 -0.95 -5.02 -10.05
C VAL A 153 -2.08 -4.41 -9.23
N THR A 154 -3.26 -4.33 -9.83
CA THR A 154 -4.43 -3.90 -9.09
C THR A 154 -5.41 -5.06 -9.05
N VAL A 155 -5.93 -5.37 -7.87
CA VAL A 155 -6.90 -6.44 -7.74
C VAL A 155 -8.23 -5.89 -7.22
N THR A 156 -9.30 -6.17 -7.95
CA THR A 156 -10.66 -5.89 -7.50
C THR A 156 -11.47 -7.17 -7.51
N TRP A 157 -12.62 -7.15 -6.86
CA TRP A 157 -13.54 -8.28 -6.86
C TRP A 157 -14.88 -7.85 -7.41
N ASN A 158 -15.45 -8.67 -8.28
CA ASN A 158 -16.67 -8.30 -9.01
C ASN A 158 -16.62 -6.86 -9.51
N SER A 159 -15.46 -6.50 -10.07
CA SER A 159 -15.23 -5.17 -10.62
C SER A 159 -15.62 -4.07 -9.64
N GLY A 160 -14.99 -4.07 -8.47
CA GLY A 160 -15.22 -3.05 -7.48
C GLY A 160 -16.41 -3.29 -6.55
N SER A 161 -17.50 -3.81 -7.10
CA SER A 161 -18.70 -4.07 -6.31
C SER A 161 -18.34 -4.62 -4.94
N LEU A 162 -17.69 -5.79 -4.94
CA LEU A 162 -17.23 -6.40 -3.71
C LEU A 162 -15.99 -5.66 -3.16
N SER A 163 -16.22 -4.67 -2.30
CA SER A 163 -15.14 -4.00 -1.59
C SER A 163 -15.16 -4.37 -0.10
N SER A 164 -16.31 -4.82 0.35
CA SER A 164 -16.48 -5.32 1.71
C SER A 164 -15.68 -6.61 1.92
N GLY A 165 -14.99 -6.71 3.06
CA GLY A 165 -14.27 -7.92 3.42
C GLY A 165 -13.17 -8.39 2.47
N VAL A 166 -12.53 -7.45 1.78
CA VAL A 166 -11.43 -7.78 0.91
C VAL A 166 -10.15 -7.52 1.66
N HIS A 167 -9.17 -8.41 1.49
CA HIS A 167 -7.83 -8.15 1.97
C HIS A 167 -6.87 -8.42 0.83
N THR A 168 -6.12 -7.41 0.41
CA THR A 168 -5.12 -7.68 -0.60
C THR A 168 -3.75 -7.53 0.03
N PHE A 169 -2.98 -8.61 -0.01
CA PHE A 169 -1.70 -8.64 0.66
C PHE A 169 -0.60 -8.05 -0.21
N PRO A 170 0.36 -7.37 0.45
CA PRO A 170 1.50 -6.75 -0.22
C PRO A 170 2.28 -7.78 -1.02
N ALA A 171 2.62 -7.42 -2.26
CA ALA A 171 3.44 -8.27 -3.11
C ALA A 171 4.77 -8.57 -2.42
N VAL A 172 5.35 -9.72 -2.72
CA VAL A 172 6.65 -10.08 -2.22
C VAL A 172 7.51 -10.56 -3.38
N LEU A 173 8.77 -10.15 -3.40
CA LEU A 173 9.66 -10.45 -4.51
C LEU A 173 10.41 -11.70 -4.11
N GLN A 174 10.39 -12.71 -4.97
CA GLN A 174 10.87 -14.03 -4.58
C GLN A 174 12.05 -14.51 -5.43
N SER A 175 12.13 -14.04 -6.68
CA SER A 175 13.32 -14.25 -7.49
C SER A 175 13.20 -13.47 -8.78
N ASP A 176 13.28 -12.16 -8.65
CA ASP A 176 13.08 -11.25 -9.76
C ASP A 176 11.63 -11.27 -10.24
N LEU A 177 10.76 -11.82 -9.41
CA LEU A 177 9.32 -11.87 -9.69
C LEU A 177 8.47 -11.65 -8.43
N TYR A 178 7.36 -10.94 -8.60
CA TYR A 178 6.50 -10.59 -7.49
C TYR A 178 5.35 -11.60 -7.39
N THR A 179 4.86 -11.80 -6.18
CA THR A 179 3.63 -12.54 -5.96
C THR A 179 2.83 -11.87 -4.89
N LEU A 180 1.52 -11.82 -5.07
CA LEU A 180 0.64 -11.38 -4.01
C LEU A 180 -0.63 -12.23 -4.06
N SER A 181 -1.42 -12.14 -3.00
CA SER A 181 -2.70 -12.83 -2.98
C SER A 181 -3.73 -11.86 -2.45
N SER A 182 -4.99 -12.20 -2.65
CA SER A 182 -6.09 -11.39 -2.13
C SER A 182 -7.18 -12.32 -1.71
N SER A 183 -7.84 -12.00 -0.60
CA SER A 183 -8.92 -12.84 -0.10
C SER A 183 -10.18 -11.99 0.01
N VAL A 184 -11.33 -12.61 -0.23
CA VAL A 184 -12.59 -11.93 0.06
C VAL A 184 -13.48 -12.83 0.92
N THR A 185 -14.25 -12.19 1.80
CA THR A 185 -15.13 -12.93 2.68
C THR A 185 -16.57 -12.50 2.40
N VAL A 186 -17.41 -13.48 2.07
CA VAL A 186 -18.79 -13.23 1.70
C VAL A 186 -19.70 -14.24 2.38
N PRO A 187 -20.93 -13.82 2.71
CA PRO A 187 -21.96 -14.73 3.24
C PRO A 187 -22.17 -15.86 2.26
N SER A 188 -22.49 -17.05 2.75
CA SER A 188 -22.68 -18.17 1.85
C SER A 188 -24.04 -18.09 1.16
N SER A 189 -24.76 -17.00 1.42
CA SER A 189 -26.03 -16.76 0.73
C SER A 189 -25.77 -16.34 -0.71
N PRO A 190 -24.78 -15.43 -0.93
CA PRO A 190 -24.25 -15.10 -2.26
C PRO A 190 -23.58 -16.30 -2.94
N TRP A 191 -22.49 -16.77 -2.37
CA TRP A 191 -21.67 -17.77 -3.03
C TRP A 191 -22.03 -19.18 -2.57
N PRO A 192 -22.00 -20.15 -3.51
CA PRO A 192 -21.77 -19.90 -4.92
C PRO A 192 -23.06 -19.88 -5.75
N SER A 193 -24.07 -19.13 -5.29
CA SER A 193 -25.25 -18.88 -6.09
C SER A 193 -25.09 -17.56 -6.86
N GLU A 194 -23.92 -16.94 -6.71
CA GLU A 194 -23.54 -15.81 -7.55
C GLU A 194 -22.13 -15.95 -8.10
N THR A 195 -21.91 -15.27 -9.22
CA THR A 195 -20.58 -14.97 -9.69
C THR A 195 -19.76 -14.33 -8.55
N VAL A 196 -18.63 -14.96 -8.20
CA VAL A 196 -17.59 -14.24 -7.49
C VAL A 196 -16.32 -14.36 -8.31
N THR A 197 -15.81 -13.22 -8.74
CA THR A 197 -14.80 -13.18 -9.78
C THR A 197 -13.74 -12.18 -9.40
N CYS A 198 -12.47 -12.60 -9.37
CA CYS A 198 -11.41 -11.62 -9.07
C CYS A 198 -10.91 -11.01 -10.37
N ASN A 199 -10.71 -9.69 -10.37
CA ASN A 199 -10.21 -8.97 -11.53
C ASN A 199 -8.80 -8.44 -11.27
N VAL A 200 -7.87 -8.79 -12.17
CA VAL A 200 -6.45 -8.45 -11.99
C VAL A 200 -5.96 -7.69 -13.21
N ALA A 201 -5.32 -6.54 -13.00
CA ALA A 201 -4.72 -5.80 -14.10
C ALA A 201 -3.21 -5.66 -13.85
N HIS A 202 -2.40 -5.86 -14.89
CA HIS A 202 -0.98 -5.62 -14.78
C HIS A 202 -0.55 -4.57 -15.83
N PRO A 203 -0.62 -3.27 -15.44
CA PRO A 203 -0.40 -2.11 -16.33
C PRO A 203 0.79 -2.34 -17.26
N ALA A 204 1.91 -2.77 -16.68
CA ALA A 204 3.15 -2.94 -17.42
C ALA A 204 3.05 -3.88 -18.61
N SER A 205 2.19 -4.89 -18.51
CA SER A 205 2.02 -5.85 -19.60
C SER A 205 0.66 -5.67 -20.26
N SER A 206 -0.06 -4.63 -19.82
CA SER A 206 -1.41 -4.36 -20.29
C SER A 206 -2.30 -5.57 -20.10
N THR A 207 -1.93 -6.42 -19.14
CA THR A 207 -2.72 -7.62 -18.88
C THR A 207 -4.02 -7.29 -18.12
N LYS A 208 -5.12 -7.92 -18.55
CA LYS A 208 -6.39 -7.89 -17.80
C LYS A 208 -6.94 -9.31 -17.72
N VAL A 209 -7.29 -9.73 -16.51
CA VAL A 209 -7.68 -11.11 -16.24
C VAL A 209 -8.86 -11.16 -15.26
N ASP A 210 -9.86 -11.97 -15.58
CA ASP A 210 -10.95 -12.25 -14.65
C ASP A 210 -10.91 -13.75 -14.36
N LYS A 211 -10.92 -14.11 -13.08
CA LYS A 211 -11.00 -15.53 -12.71
C LYS A 211 -12.19 -15.73 -11.78
N LYS A 212 -13.22 -16.40 -12.27
CA LYS A 212 -14.36 -16.71 -11.41
C LYS A 212 -13.98 -17.80 -10.42
N ILE A 213 -14.42 -17.64 -9.17
CA ILE A 213 -14.16 -18.66 -8.17
C ILE A 213 -15.21 -19.78 -8.29
N VAL A 214 -14.77 -20.97 -8.71
CA VAL A 214 -15.67 -22.11 -8.85
C VAL A 214 -15.45 -23.13 -7.73
N PRO A 215 -16.57 -23.56 -7.08
CA PRO A 215 -16.56 -24.51 -5.95
C PRO A 215 -15.75 -25.76 -6.24
N ARG A 216 -15.35 -26.47 -5.18
CA ARG A 216 -14.36 -27.54 -5.29
C ARG A 216 -13.05 -26.97 -5.79
N ASN B 1 20.72 22.63 4.31
CA ASN B 1 19.30 22.26 4.21
C ASN B 1 18.71 21.91 5.57
N ILE B 2 17.48 22.36 5.79
CA ILE B 2 16.84 22.18 7.08
C ILE B 2 16.47 20.71 7.24
N VAL B 3 16.90 20.07 8.32
CA VAL B 3 16.51 18.68 8.58
C VAL B 3 15.38 18.53 9.61
N MET B 4 14.33 17.81 9.21
CA MET B 4 13.19 17.53 10.10
C MET B 4 13.25 16.11 10.69
N THR B 5 12.95 16.01 11.98
CA THR B 5 12.98 14.72 12.67
C THR B 5 11.71 14.55 13.49
N GLN B 6 11.06 13.41 13.33
CA GLN B 6 9.83 13.13 14.07
C GLN B 6 10.02 12.14 15.18
N SER B 7 9.15 12.23 16.17
CA SER B 7 9.04 11.18 17.18
C SER B 7 7.56 11.01 17.50
N PRO B 8 7.19 9.79 17.93
CA PRO B 8 8.14 8.67 17.95
C PRO B 8 8.28 8.05 16.57
N LYS B 9 9.20 7.09 16.41
CA LYS B 9 9.28 6.32 15.17
C LYS B 9 7.97 5.58 14.95
N SER B 10 7.45 4.92 16.00
CA SER B 10 6.16 4.25 15.88
C SER B 10 5.48 4.15 17.25
N MET B 11 4.15 4.03 17.25
CA MET B 11 3.44 3.78 18.50
C MET B 11 2.03 3.20 18.32
N SER B 12 1.47 2.70 19.41
CA SER B 12 0.09 2.24 19.38
C SER B 12 -0.66 2.81 20.57
N MET B 13 -1.84 3.36 20.29
CA MET B 13 -2.65 3.97 21.33
C MET B 13 -4.07 3.39 21.28
N SER B 14 -4.77 3.38 22.41
CA SER B 14 -6.15 2.88 22.44
C SER B 14 -7.13 3.94 21.96
N VAL B 15 -8.15 3.53 21.21
CA VAL B 15 -9.22 4.44 20.77
C VAL B 15 -9.72 5.27 21.95
N GLY B 16 -9.81 6.59 21.74
CA GLY B 16 -10.26 7.48 22.79
C GLY B 16 -9.16 8.24 23.50
N GLU B 17 -7.92 7.77 23.36
CA GLU B 17 -6.83 8.38 24.12
C GLU B 17 -6.28 9.61 23.42
N ARG B 18 -5.45 10.35 24.14
CA ARG B 18 -4.77 11.52 23.58
C ARG B 18 -3.41 11.09 23.06
N VAL B 19 -3.12 11.44 21.81
CA VAL B 19 -1.83 11.07 21.25
C VAL B 19 -1.01 12.31 20.87
N THR B 20 0.30 12.22 21.12
CA THR B 20 1.22 13.32 20.83
C THR B 20 2.37 12.93 19.91
N LEU B 21 2.40 13.55 18.74
CA LEU B 21 3.48 13.37 17.77
C LEU B 21 4.31 14.64 17.74
N THR B 22 5.63 14.50 17.74
CA THR B 22 6.51 15.67 17.79
C THR B 22 7.33 15.74 16.54
N CYS B 23 7.86 16.93 16.27
CA CYS B 23 8.66 17.18 15.08
C CYS B 23 9.65 18.33 15.36
N LYS B 24 10.93 18.03 15.21
CA LYS B 24 11.97 19.00 15.48
C LYS B 24 12.59 19.43 14.18
N ALA B 25 12.89 20.73 14.08
CA ALA B 25 13.51 21.29 12.90
C ALA B 25 14.92 21.72 13.28
N SER B 26 15.88 21.43 12.41
CA SER B 26 17.28 21.68 12.73
C SER B 26 17.62 23.18 12.87
N GLU B 27 16.71 24.04 12.42
CA GLU B 27 16.89 25.48 12.60
C GLU B 27 15.53 26.16 12.61
N ASN B 28 15.49 27.48 12.82
CA ASN B 28 14.20 28.15 12.96
C ASN B 28 13.36 28.06 11.68
N VAL B 29 12.10 27.65 11.79
CA VAL B 29 11.19 27.70 10.63
C VAL B 29 9.91 28.45 10.97
N VAL B 30 10.01 29.30 12.00
CA VAL B 30 8.91 30.11 12.47
C VAL B 30 7.70 29.20 12.68
N THR B 31 6.70 29.32 11.81
CA THR B 31 5.52 28.45 11.91
C THR B 31 5.21 27.82 10.55
N TYR B 32 6.22 27.70 9.71
CA TYR B 32 5.99 27.20 8.35
C TYR B 32 6.13 25.68 8.33
N VAL B 33 5.20 25.00 9.03
CA VAL B 33 5.22 23.54 9.16
C VAL B 33 3.84 22.99 8.83
N SER B 34 3.82 21.92 8.02
CA SER B 34 2.57 21.23 7.71
C SER B 34 2.63 19.81 8.23
N TRP B 35 1.46 19.26 8.58
CA TRP B 35 1.31 17.86 8.92
C TRP B 35 0.47 17.12 7.88
N TYR B 36 1.02 16.02 7.37
CA TYR B 36 0.28 15.19 6.41
C TYR B 36 -0.06 13.81 6.98
N GLN B 37 -1.26 13.35 6.68
CA GLN B 37 -1.69 12.00 7.09
C GLN B 37 -1.75 11.11 5.87
N GLN B 38 -1.03 10.00 5.92
CA GLN B 38 -1.00 9.05 4.82
C GLN B 38 -1.53 7.68 5.28
N LYS B 39 -2.80 7.42 5.02
CA LYS B 39 -3.41 6.13 5.40
C LYS B 39 -3.00 5.06 4.39
N PRO B 40 -3.08 3.77 4.79
CA PRO B 40 -2.65 2.66 3.94
C PRO B 40 -3.33 2.64 2.55
N GLU B 41 -2.58 2.37 1.49
CA GLU B 41 -3.14 2.32 0.14
C GLU B 41 -3.88 3.61 -0.24
N GLN B 42 -3.26 4.75 0.09
CA GLN B 42 -3.85 6.07 -0.14
C GLN B 42 -2.76 7.11 -0.36
N SER B 43 -3.14 8.24 -0.96
CA SER B 43 -2.24 9.37 -1.08
C SER B 43 -2.38 10.29 0.15
N PRO B 44 -1.30 11.00 0.50
CA PRO B 44 -1.28 11.86 1.68
C PRO B 44 -2.34 12.95 1.66
N LYS B 45 -2.83 13.29 2.86
CA LYS B 45 -3.85 14.30 3.01
C LYS B 45 -3.39 15.38 4.02
N LEU B 46 -3.50 16.64 3.63
CA LEU B 46 -3.08 17.72 4.50
C LEU B 46 -3.96 17.80 5.75
N LEU B 47 -3.35 17.73 6.93
CA LEU B 47 -4.09 17.89 8.18
C LEU B 47 -3.97 19.32 8.75
N ILE B 48 -2.76 19.86 8.72
CA ILE B 48 -2.50 21.13 9.40
C ILE B 48 -1.53 21.94 8.58
N TYR B 49 -1.75 23.26 8.49
CA TYR B 49 -0.78 24.14 7.79
C TYR B 49 -0.41 25.35 8.69
N GLY B 50 0.75 25.95 8.44
CA GLY B 50 1.17 27.08 9.25
C GLY B 50 1.26 26.66 10.72
N ALA B 51 1.69 25.41 10.93
CA ALA B 51 1.83 24.81 12.27
C ALA B 51 0.55 24.59 13.05
N SER B 52 -0.47 25.39 12.82
CA SER B 52 -1.62 25.32 13.74
C SER B 52 -2.97 25.57 13.09
N ASN B 53 -2.98 25.58 11.77
CA ASN B 53 -4.20 25.87 11.05
C ASN B 53 -4.80 24.60 10.53
N ARG B 54 -5.98 24.24 11.05
CA ARG B 54 -6.66 23.05 10.54
C ARG B 54 -7.10 23.27 9.10
N TYR B 55 -6.62 22.39 8.22
CA TYR B 55 -7.08 22.39 6.83
C TYR B 55 -8.59 22.19 6.83
N THR B 56 -9.25 22.77 5.83
CA THR B 56 -10.70 22.71 5.72
C THR B 56 -11.16 21.25 5.58
N GLY B 57 -12.06 20.82 6.47
CA GLY B 57 -12.55 19.46 6.46
C GLY B 57 -12.04 18.57 7.59
N VAL B 58 -10.85 18.89 8.09
CA VAL B 58 -10.20 18.08 9.14
C VAL B 58 -11.00 18.09 10.44
N PRO B 59 -11.22 16.90 11.02
CA PRO B 59 -11.95 16.76 12.29
C PRO B 59 -11.28 17.58 13.40
N ASP B 60 -12.06 18.10 14.35
CA ASP B 60 -11.53 18.99 15.41
C ASP B 60 -10.49 18.33 16.33
N ARG B 61 -10.56 17.01 16.49
CA ARG B 61 -9.63 16.31 17.39
C ARG B 61 -8.17 16.48 16.99
N PHE B 62 -7.93 16.96 15.75
CA PHE B 62 -6.57 17.24 15.28
C PHE B 62 -6.15 18.69 15.47
N THR B 63 -5.24 18.94 16.41
CA THR B 63 -4.75 20.28 16.64
C THR B 63 -3.21 20.36 16.50
N GLY B 64 -2.74 21.23 15.61
CA GLY B 64 -1.30 21.46 15.47
C GLY B 64 -0.83 22.57 16.40
N SER B 65 0.42 22.49 16.87
CA SER B 65 1.00 23.56 17.69
C SER B 65 2.52 23.63 17.54
N GLY B 66 3.08 24.77 17.94
CA GLY B 66 4.52 24.93 18.01
C GLY B 66 5.08 26.08 17.19
N SER B 67 6.35 26.40 17.43
CA SER B 67 7.04 27.44 16.65
C SER B 67 8.54 27.28 16.78
N ALA B 68 9.26 27.99 15.92
CA ALA B 68 10.71 27.96 15.96
C ALA B 68 11.22 26.63 15.47
N THR B 69 11.53 25.75 16.41
CA THR B 69 12.20 24.49 16.09
C THR B 69 11.41 23.27 16.59
N ASP B 70 10.38 23.52 17.39
CA ASP B 70 9.63 22.42 17.98
C ASP B 70 8.14 22.46 17.69
N PHE B 71 7.62 21.35 17.17
CA PHE B 71 6.25 21.32 16.69
C PHE B 71 5.57 20.05 17.14
N THR B 72 4.25 20.12 17.32
CA THR B 72 3.47 19.03 17.88
C THR B 72 2.16 18.85 17.12
N LEU B 73 1.79 17.59 16.87
CA LEU B 73 0.46 17.28 16.39
C LEU B 73 -0.22 16.55 17.51
N THR B 74 -1.38 17.05 17.95
CA THR B 74 -2.12 16.37 19.01
C THR B 74 -3.46 15.86 18.51
N ILE B 75 -3.73 14.59 18.81
CA ILE B 75 -5.04 14.00 18.55
C ILE B 75 -5.75 13.81 19.89
N SER B 76 -6.72 14.67 20.17
CA SER B 76 -7.34 14.73 21.49
C SER B 76 -8.04 13.44 21.90
N SER B 77 -8.65 12.76 20.93
CA SER B 77 -9.30 11.48 21.16
C SER B 77 -9.18 10.59 19.91
N VAL B 78 -8.14 9.75 19.86
CA VAL B 78 -7.89 8.91 18.68
C VAL B 78 -9.09 8.05 18.33
N GLN B 79 -9.33 7.89 17.03
CA GLN B 79 -10.39 7.01 16.54
C GLN B 79 -9.73 5.95 15.65
N ALA B 80 -10.34 4.76 15.58
CA ALA B 80 -9.73 3.66 14.82
C ALA B 80 -9.31 4.08 13.42
N GLU B 81 -10.07 4.99 12.80
CA GLU B 81 -9.77 5.48 11.45
C GLU B 81 -8.48 6.30 11.37
N ASP B 82 -7.97 6.74 12.53
CA ASP B 82 -6.76 7.58 12.57
C ASP B 82 -5.43 6.83 12.38
N LEU B 83 -5.55 5.51 12.25
CA LEU B 83 -4.43 4.63 11.87
C LEU B 83 -3.72 5.17 10.62
N ALA B 84 -2.40 5.34 10.66
CA ALA B 84 -1.73 6.01 9.54
C ALA B 84 -0.26 6.33 9.75
N ASP B 85 0.41 6.72 8.66
CA ASP B 85 1.70 7.40 8.80
C ASP B 85 1.50 8.91 8.72
N TYR B 86 1.96 9.58 9.76
CA TYR B 86 1.92 11.04 9.85
C TYR B 86 3.28 11.65 9.53
N HIS B 87 3.27 12.64 8.65
CA HIS B 87 4.51 13.30 8.23
C HIS B 87 4.44 14.79 8.50
N CYS B 88 5.57 15.37 8.89
CA CYS B 88 5.64 16.82 9.03
C CYS B 88 6.71 17.36 8.07
N GLY B 89 6.49 18.55 7.54
CA GLY B 89 7.44 19.13 6.60
C GLY B 89 7.53 20.60 6.88
N GLN B 90 8.69 21.21 6.61
CA GLN B 90 8.84 22.66 6.72
C GLN B 90 8.79 23.30 5.34
N GLY B 91 8.11 24.43 5.26
CA GLY B 91 8.04 25.16 4.01
C GLY B 91 8.62 26.55 4.16
N TYR B 92 9.57 26.70 5.09
CA TYR B 92 10.20 28.00 5.34
C TYR B 92 11.32 28.29 4.35
N SER B 93 12.15 27.29 4.08
CA SER B 93 13.30 27.53 3.21
C SER B 93 13.56 26.40 2.22
N TYR B 94 14.03 26.77 1.03
CA TYR B 94 14.35 25.79 -0.01
C TYR B 94 15.61 25.01 0.34
N PRO B 95 15.63 23.69 0.04
CA PRO B 95 14.48 22.97 -0.50
C PRO B 95 13.51 22.66 0.63
N TYR B 96 12.23 22.49 0.30
CA TYR B 96 11.27 22.06 1.32
C TYR B 96 11.68 20.69 1.81
N THR B 97 11.54 20.42 3.11
CA THR B 97 11.99 19.16 3.68
C THR B 97 10.99 18.55 4.65
N PHE B 98 11.04 17.22 4.75
CA PHE B 98 10.09 16.44 5.56
C PHE B 98 10.81 15.54 6.55
N GLY B 99 10.15 15.29 7.69
CA GLY B 99 10.68 14.33 8.65
C GLY B 99 10.47 12.92 8.10
N GLY B 100 10.88 11.92 8.88
CA GLY B 100 10.85 10.54 8.43
C GLY B 100 9.54 9.81 8.71
N GLY B 101 8.56 10.54 9.24
CA GLY B 101 7.25 9.96 9.48
C GLY B 101 7.11 9.26 10.82
N THR B 102 5.90 9.33 11.40
CA THR B 102 5.53 8.55 12.60
C THR B 102 4.39 7.58 12.24
N LYS B 103 4.60 6.28 12.50
CA LYS B 103 3.58 5.27 12.24
C LYS B 103 2.72 5.05 13.50
N LEU B 104 1.47 5.50 13.43
CA LEU B 104 0.53 5.39 14.55
C LEU B 104 -0.29 4.14 14.32
N GLU B 105 -0.33 3.25 15.30
CA GLU B 105 -1.27 2.13 15.21
C GLU B 105 -2.25 2.19 16.37
N ILE B 106 -3.36 1.48 16.21
CA ILE B 106 -4.43 1.48 17.20
C ILE B 106 -4.36 0.17 18.03
N LYS B 107 -4.50 0.29 19.35
CA LYS B 107 -4.57 -0.86 20.23
C LYS B 107 -6.02 -1.29 20.29
N ARG B 108 -6.27 -2.60 20.31
CA ARG B 108 -7.63 -3.15 20.41
C ARG B 108 -7.61 -4.44 21.25
N ALA B 109 -8.78 -5.00 21.53
CA ALA B 109 -8.84 -6.28 22.25
C ALA B 109 -8.24 -7.45 21.45
N ASP B 110 -7.47 -8.31 22.12
CA ASP B 110 -6.89 -9.48 21.46
C ASP B 110 -7.96 -10.15 20.62
N ALA B 111 -7.58 -10.59 19.43
CA ALA B 111 -8.52 -11.24 18.52
C ALA B 111 -7.86 -12.40 17.77
N ALA B 112 -8.52 -13.54 17.81
CA ALA B 112 -8.03 -14.76 17.17
C ALA B 112 -8.24 -14.72 15.67
N PRO B 113 -7.29 -15.29 14.93
CA PRO B 113 -7.35 -15.27 13.47
C PRO B 113 -8.34 -16.30 12.92
N THR B 114 -9.05 -15.92 11.85
CA THR B 114 -9.84 -16.87 11.07
C THR B 114 -8.86 -17.53 10.09
N VAL B 115 -8.68 -18.84 10.21
CA VAL B 115 -7.69 -19.53 9.39
C VAL B 115 -8.36 -20.30 8.25
N SER B 116 -7.89 -20.11 7.02
CA SER B 116 -8.54 -20.80 5.93
C SER B 116 -7.51 -21.27 4.90
N ILE B 117 -7.63 -22.54 4.49
CA ILE B 117 -6.60 -23.16 3.63
C ILE B 117 -7.10 -23.45 2.19
N PHE B 118 -6.19 -23.36 1.21
CA PHE B 118 -6.55 -23.60 -0.19
C PHE B 118 -5.53 -24.45 -0.91
N PRO B 119 -5.99 -25.53 -1.56
CA PRO B 119 -5.14 -26.39 -2.38
C PRO B 119 -4.80 -25.72 -3.73
N PRO B 120 -3.77 -26.24 -4.43
CA PRO B 120 -3.41 -25.62 -5.71
C PRO B 120 -4.55 -25.79 -6.72
N SER B 121 -4.74 -24.79 -7.56
CA SER B 121 -5.73 -24.86 -8.63
C SER B 121 -5.29 -25.87 -9.67
N SER B 122 -6.24 -26.48 -10.39
CA SER B 122 -5.87 -27.40 -11.46
C SER B 122 -5.10 -26.64 -12.54
N GLU B 123 -5.44 -25.36 -12.75
CA GLU B 123 -4.66 -24.51 -13.68
C GLU B 123 -3.17 -24.56 -13.38
N GLN B 124 -2.79 -24.20 -12.16
CA GLN B 124 -1.39 -24.21 -11.77
C GLN B 124 -0.78 -25.61 -11.88
N LEU B 125 -1.50 -26.61 -11.38
CA LEU B 125 -0.97 -27.97 -11.41
C LEU B 125 -0.56 -28.38 -12.82
N THR B 126 -1.27 -27.88 -13.83
CA THR B 126 -0.94 -28.24 -15.21
C THR B 126 0.40 -27.62 -15.67
N SER B 127 0.82 -26.55 -15.00
CA SER B 127 2.05 -25.84 -15.38
C SER B 127 3.32 -26.45 -14.76
N GLY B 128 3.15 -27.34 -13.79
CA GLY B 128 4.27 -27.97 -13.12
C GLY B 128 4.38 -27.51 -11.67
N GLY B 129 3.60 -26.49 -11.34
CA GLY B 129 3.67 -25.88 -10.03
C GLY B 129 2.47 -26.20 -9.18
N ALA B 130 2.64 -25.98 -7.88
CA ALA B 130 1.62 -26.25 -6.87
C ALA B 130 1.85 -25.31 -5.70
N SER B 131 1.02 -24.27 -5.58
CA SER B 131 1.01 -23.43 -4.41
C SER B 131 -0.18 -23.77 -3.51
N VAL B 132 0.10 -23.93 -2.22
CA VAL B 132 -0.93 -24.11 -1.22
C VAL B 132 -0.97 -22.84 -0.42
N VAL B 133 -2.15 -22.29 -0.22
CA VAL B 133 -2.27 -20.97 0.39
C VAL B 133 -3.08 -21.04 1.66
N CYS B 134 -2.71 -20.22 2.63
CA CYS B 134 -3.43 -20.19 3.90
C CYS B 134 -3.65 -18.74 4.34
N PHE B 135 -4.91 -18.34 4.49
CA PHE B 135 -5.23 -16.99 4.96
C PHE B 135 -5.51 -17.03 6.45
N LEU B 136 -4.78 -16.22 7.21
CA LEU B 136 -5.05 -16.04 8.64
C LEU B 136 -5.57 -14.62 8.83
N ASN B 137 -6.88 -14.47 8.98
CA ASN B 137 -7.48 -13.15 8.85
C ASN B 137 -7.95 -12.49 10.13
N ASN B 138 -7.83 -11.15 10.15
CA ASN B 138 -8.41 -10.29 11.18
C ASN B 138 -8.10 -10.68 12.61
N PHE B 139 -6.83 -10.74 12.95
CA PHE B 139 -6.44 -11.07 14.31
C PHE B 139 -5.79 -9.88 14.99
N TYR B 140 -5.54 -9.98 16.29
CA TYR B 140 -4.73 -8.99 16.99
C TYR B 140 -4.19 -9.59 18.27
N PRO B 141 -2.94 -9.25 18.65
CA PRO B 141 -1.98 -8.31 18.05
C PRO B 141 -1.38 -8.83 16.74
N LYS B 142 -0.49 -8.06 16.12
CA LYS B 142 0.11 -8.45 14.82
C LYS B 142 0.98 -9.72 14.90
N ASP B 143 1.62 -9.95 16.05
CA ASP B 143 2.53 -11.08 16.22
C ASP B 143 1.81 -12.39 15.99
N ILE B 144 2.28 -13.16 15.01
CA ILE B 144 1.68 -14.47 14.75
C ILE B 144 2.74 -15.38 14.13
N ASN B 145 2.63 -16.69 14.32
CA ASN B 145 3.50 -17.59 13.57
C ASN B 145 2.76 -18.64 12.75
N VAL B 146 3.23 -18.86 11.52
CA VAL B 146 2.64 -19.93 10.71
C VAL B 146 3.62 -21.08 10.50
N LYS B 147 3.09 -22.30 10.57
CA LYS B 147 3.89 -23.49 10.33
C LYS B 147 3.18 -24.40 9.36
N TRP B 148 3.94 -24.92 8.39
CA TRP B 148 3.39 -25.81 7.38
C TRP B 148 3.79 -27.24 7.67
N LYS B 149 2.82 -28.14 7.52
CA LYS B 149 3.07 -29.56 7.72
C LYS B 149 2.64 -30.33 6.49
N ILE B 150 3.48 -31.28 6.07
CA ILE B 150 3.17 -32.16 4.96
C ILE B 150 3.18 -33.60 5.49
N ASP B 151 2.02 -34.25 5.46
CA ASP B 151 1.86 -35.58 6.06
C ASP B 151 2.45 -35.66 7.47
N GLY B 152 2.31 -34.59 8.25
CA GLY B 152 2.77 -34.56 9.62
C GLY B 152 4.13 -33.92 9.82
N SER B 153 4.83 -33.65 8.72
CA SER B 153 6.20 -33.12 8.80
C SER B 153 6.30 -31.63 8.42
N GLU B 154 6.90 -30.84 9.30
CA GLU B 154 7.09 -29.41 9.06
C GLU B 154 7.87 -29.14 7.80
N ARG B 155 7.33 -28.27 6.96
CA ARG B 155 8.01 -27.82 5.74
C ARG B 155 8.38 -26.34 5.88
N GLN B 156 9.52 -25.99 5.29
CA GLN B 156 10.24 -24.80 5.68
C GLN B 156 10.68 -24.00 4.47
N ASN B 157 11.32 -24.69 3.54
CA ASN B 157 11.64 -24.11 2.25
C ASN B 157 10.37 -23.85 1.45
N GLY B 158 10.37 -22.80 0.63
CA GLY B 158 9.28 -22.55 -0.29
C GLY B 158 8.08 -21.80 0.27
N VAL B 159 8.19 -21.26 1.48
CA VAL B 159 7.06 -20.52 2.04
C VAL B 159 7.25 -19.01 2.00
N LEU B 160 6.18 -18.31 1.66
CA LEU B 160 6.22 -16.85 1.55
C LEU B 160 5.07 -16.22 2.29
N ASN B 161 5.42 -15.29 3.17
CA ASN B 161 4.47 -14.66 4.06
C ASN B 161 4.30 -13.17 3.73
N SER B 162 3.09 -12.67 3.94
CA SER B 162 2.81 -11.26 3.69
C SER B 162 1.79 -10.83 4.72
N TRP B 163 1.93 -9.62 5.24
CA TRP B 163 1.01 -9.12 6.25
C TRP B 163 0.38 -7.83 5.72
N THR B 164 -0.93 -7.69 5.91
CA THR B 164 -1.59 -6.45 5.54
C THR B 164 -1.23 -5.37 6.57
N ASP B 165 -1.43 -4.11 6.23
CA ASP B 165 -1.37 -3.03 7.21
C ASP B 165 -2.56 -3.21 8.15
N GLN B 166 -2.57 -2.50 9.28
CA GLN B 166 -3.72 -2.56 10.18
C GLN B 166 -4.99 -2.05 9.47
N ASP B 167 -6.15 -2.62 9.81
CA ASP B 167 -7.42 -2.23 9.20
C ASP B 167 -8.07 -1.04 9.91
N SER B 168 -8.55 -0.07 9.12
CA SER B 168 -9.06 1.21 9.65
C SER B 168 -10.41 1.10 10.35
N LYS B 169 -11.12 -0.01 10.11
CA LYS B 169 -12.47 -0.21 10.66
C LYS B 169 -12.42 -0.94 12.00
N ASP B 170 -11.72 -2.07 12.01
CA ASP B 170 -11.71 -2.94 13.19
C ASP B 170 -10.34 -3.11 13.84
N SER B 171 -9.30 -2.48 13.27
CA SER B 171 -8.02 -2.41 13.97
C SER B 171 -7.25 -3.75 13.99
N THR B 172 -7.61 -4.68 13.11
CA THR B 172 -6.97 -6.00 13.11
C THR B 172 -5.94 -6.12 12.00
N TYR B 173 -5.23 -7.24 12.03
CA TYR B 173 -4.25 -7.54 11.00
C TYR B 173 -4.66 -8.80 10.23
N SER B 174 -4.10 -8.99 9.05
CA SER B 174 -4.34 -10.20 8.28
C SER B 174 -3.01 -10.63 7.68
N MET B 175 -2.87 -11.94 7.46
CA MET B 175 -1.64 -12.48 6.91
C MET B 175 -1.92 -13.58 5.88
N SER B 176 -1.00 -13.73 4.94
CA SER B 176 -1.08 -14.75 3.91
C SER B 176 0.20 -15.54 3.95
N SER B 177 0.05 -16.87 3.92
CA SER B 177 1.20 -17.75 3.84
C SER B 177 0.98 -18.71 2.68
N THR B 178 1.92 -18.72 1.73
CA THR B 178 1.85 -19.59 0.57
C THR B 178 3.03 -20.55 0.58
N LEU B 179 2.73 -21.84 0.60
CA LEU B 179 3.75 -22.87 0.43
C LEU B 179 3.79 -23.27 -1.03
N THR B 180 4.94 -23.10 -1.69
CA THR B 180 5.04 -23.53 -3.08
C THR B 180 5.95 -24.73 -3.31
N LEU B 181 5.41 -25.72 -4.02
CA LEU B 181 6.15 -26.92 -4.37
C LEU B 181 5.97 -27.23 -5.85
N THR B 182 6.68 -28.26 -6.30
CA THR B 182 6.53 -28.79 -7.64
C THR B 182 5.24 -29.61 -7.71
N LYS B 183 4.73 -29.83 -8.91
CA LYS B 183 3.57 -30.69 -9.06
C LYS B 183 3.87 -32.06 -8.45
N ASP B 184 4.99 -32.66 -8.85
CA ASP B 184 5.29 -34.02 -8.39
C ASP B 184 6.07 -34.12 -7.07
N GLU B 185 5.94 -33.13 -6.21
CA GLU B 185 6.19 -33.33 -4.80
C GLU B 185 4.81 -33.34 -4.12
N TYR B 186 3.97 -32.43 -4.59
CA TYR B 186 2.61 -32.26 -4.08
C TYR B 186 1.78 -33.53 -4.18
N GLU B 187 1.71 -34.12 -5.37
CA GLU B 187 0.93 -35.33 -5.57
C GLU B 187 1.46 -36.47 -4.71
N ARG B 188 2.74 -36.36 -4.34
CA ARG B 188 3.42 -37.43 -3.63
C ARG B 188 3.21 -37.29 -2.13
N HIS B 189 2.19 -36.51 -1.77
CA HIS B 189 1.78 -36.41 -0.37
C HIS B 189 0.26 -36.28 -0.30
N ASN B 190 -0.32 -36.54 0.86
CA ASN B 190 -1.76 -36.48 0.94
C ASN B 190 -2.27 -35.36 1.83
N SER B 191 -1.58 -35.12 2.95
CA SER B 191 -2.13 -34.22 3.96
C SER B 191 -1.39 -32.90 4.01
N TYR B 192 -2.15 -31.81 3.89
CA TYR B 192 -1.56 -30.47 3.91
C TYR B 192 -2.13 -29.61 5.03
N THR B 193 -1.22 -29.05 5.85
CA THR B 193 -1.60 -28.47 7.13
C THR B 193 -1.06 -27.06 7.41
N CYS B 194 -1.97 -26.15 7.74
CA CYS B 194 -1.63 -24.78 8.09
C CYS B 194 -1.75 -24.60 9.59
N GLU B 195 -0.66 -24.24 10.26
CA GLU B 195 -0.67 -24.23 11.73
C GLU B 195 -0.32 -22.85 12.29
N ALA B 196 -1.30 -22.22 12.95
CA ALA B 196 -1.12 -20.85 13.43
C ALA B 196 -0.86 -20.81 14.94
N THR B 197 0.17 -20.06 15.32
CA THR B 197 0.48 -19.81 16.73
C THR B 197 0.21 -18.33 17.02
N HIS B 198 -0.67 -18.06 18.00
CA HIS B 198 -1.06 -16.69 18.36
C HIS B 198 -1.29 -16.68 19.85
N LYS B 199 -1.20 -15.51 20.47
CA LYS B 199 -1.33 -15.42 21.91
C LYS B 199 -2.78 -15.64 22.37
N THR B 200 -3.73 -15.54 21.44
CA THR B 200 -5.14 -15.81 21.76
C THR B 200 -5.42 -17.29 22.08
N SER B 201 -4.53 -18.20 21.67
CA SER B 201 -4.69 -19.62 22.00
C SER B 201 -3.38 -20.28 22.46
N THR B 202 -3.46 -21.19 23.43
CA THR B 202 -2.28 -21.92 23.87
C THR B 202 -2.04 -23.13 22.97
N SER B 203 -3.06 -23.49 22.21
CA SER B 203 -2.91 -24.54 21.22
C SER B 203 -3.00 -23.86 19.86
N PRO B 204 -2.28 -24.38 18.86
CA PRO B 204 -2.30 -23.72 17.55
C PRO B 204 -3.64 -23.95 16.87
N ILE B 205 -4.01 -23.04 15.97
CA ILE B 205 -5.18 -23.23 15.15
C ILE B 205 -4.72 -23.94 13.88
N VAL B 206 -5.27 -25.13 13.66
CA VAL B 206 -4.87 -25.95 12.54
C VAL B 206 -5.97 -25.94 11.49
N LYS B 207 -5.56 -25.85 10.23
CA LYS B 207 -6.47 -26.07 9.10
C LYS B 207 -5.73 -27.03 8.18
N SER B 208 -6.48 -27.89 7.50
CA SER B 208 -5.85 -28.99 6.79
C SER B 208 -6.79 -29.55 5.71
N PHE B 209 -6.21 -29.95 4.58
CA PHE B 209 -6.95 -30.75 3.61
C PHE B 209 -6.06 -31.93 3.21
N ASN B 210 -6.69 -32.96 2.65
CA ASN B 210 -5.96 -34.07 2.05
C ASN B 210 -6.22 -34.11 0.55
N ARG B 211 -5.15 -34.19 -0.25
CA ARG B 211 -5.22 -34.69 -1.64
C ARG B 211 -4.59 -33.80 -2.72
#